data_6ANA
#
_entry.id   6ANA
#
_cell.length_a   38.925
_cell.length_b   63.682
_cell.length_c   68.417
_cell.angle_alpha   114.28
_cell.angle_beta   96.14
_cell.angle_gamma   91.92
#
_symmetry.space_group_name_H-M   'P 1'
#
loop_
_entity.id
_entity.type
_entity.pdbx_description
1 polymer 'anti Kappa VHH domain'
2 polymer 'LL2 Fab Heavy Chain'
3 polymer 'LL2 Fab Light Chain'
4 branched 2-acetamido-2-deoxy-beta-D-glucopyranose-(1-4)-[alpha-L-fucopyranose-(1-6)]2-acetamido-2-deoxy-beta-D-glucopyranose
5 water water
#
loop_
_entity_poly.entity_id
_entity_poly.type
_entity_poly.pdbx_seq_one_letter_code
_entity_poly.pdbx_strand_id
1 'polypeptide(L)'
;(UNK)(UNK)(UNK)(UNK)(UNK)(UNK)(UNK)(UNK)(UNK)(UNK)(UNK)(UNK)(UNK)(UNK)(UNK)(UNK)
(UNK)(UNK)(UNK)(UNK)(UNK)(UNK)(UNK)(UNK)(UNK)(UNK)(UNK)(UNK)(UNK)(UNK)(UNK)(UNK)
(UNK)(UNK)(UNK)(UNK)(UNK)(UNK)(UNK)(UNK)(UNK)(UNK)(UNK)(UNK)(UNK)(UNK)(UNK)(UNK)
(UNK)(UNK)(UNK)(UNK)(UNK)(UNK)(UNK)(UNK)(UNK)(UNK)(UNK)(UNK)(UNK)(UNK)(UNK)(UNK)
(UNK)(UNK)(UNK)(UNK)(UNK)(UNK)(UNK)(UNK)(UNK)(UNK)(UNK)(UNK)(UNK)(UNK)(UNK)(UNK)
(UNK)(UNK)(UNK)(UNK)(UNK)(UNK)(UNK)(UNK)(UNK)(UNK)(UNK)(UNK)(UNK)(UNK)(UNK)(UNK)
(UNK)(UNK)(UNK)(UNK)(UNK)(UNK)(UNK)(UNK)(UNK)(UNK)(UNK)(UNK)(UNK)(UNK)(UNK)(UNK)
(UNK)(UNK)(UNK)(UNK)(UNK)(UNK)(UNK)(UNK)(UNK)(UNK)
;
K
2 'polypeptide(L)'
;QVQLQQSGAELSKPGASVKMSCKASGYTFTSYWLHWIKQRPGQGLEWIGYINPRNDYTEYNQNFKDKATLTADKSSSTAY
MELSSLTSEDSAVYYCARRDITTFYWGQGTTLTVSSASTKGPSVFPLAPSSKSTSGGTAALGCLVKDYFPEPVTVSWNSG
ALTSGVHTFPAVLQSSGLYSLSSVVTVPSSSLGTQTYICNVNHKPSNTKVDKRVEPKSC
;
H
3 'polypeptide(L)'
;DIQLTQSPSSLAVSAGDNVTMSCKSSQSVLYSANHKNYLAWYQQKPGQSPKLLIYWASTRESGVPDRFTGSGSGTDFTLT
ISRVQVEDLAIYYCHQYLSSWTFGGGTKLEIKRTVAAPSVFIFPPSDEQLKSGTASVVCLLNNFYPREAKVQWKVDNALQ
SGNSQESVTEQDSKDSTYSLSSTLTLSKADYEKHKVYACEVTHQGLSSPVTKSFNRGEC
;
L
#
# COMPACT_ATOMS: atom_id res chain seq x y z
N UNK A 1 -19.12 28.68 -3.46
CA UNK A 1 -19.87 27.52 -2.99
C UNK A 1 -20.56 27.81 -1.67
N UNK A 2 -21.76 27.26 -1.51
CA UNK A 2 -22.53 27.43 -0.28
C UNK A 2 -23.16 26.10 0.12
N UNK A 3 -23.02 25.75 1.39
CA UNK A 3 -23.56 24.51 1.94
C UNK A 3 -24.68 24.77 2.91
N UNK A 4 -25.75 24.01 2.81
CA UNK A 4 -26.85 24.12 3.78
C UNK A 4 -27.34 22.73 4.18
N UNK A 5 -27.19 22.41 5.45
CA UNK A 5 -27.69 21.16 5.99
C UNK A 5 -29.14 21.34 6.44
N UNK A 6 -29.94 20.29 6.30
CA UNK A 6 -31.32 20.32 6.76
C UNK A 6 -31.69 18.94 7.28
N UNK A 7 -32.91 18.86 7.84
CA UNK A 7 -33.63 17.62 8.15
C UNK A 7 -33.34 17.07 9.53
N UNK A 8 -32.65 17.87 10.32
CA UNK A 8 -32.43 17.56 11.70
C UNK A 8 -33.76 17.74 12.44
N UNK A 9 -33.87 17.18 13.64
CA UNK A 9 -35.12 17.24 14.40
C UNK A 9 -35.04 16.51 15.73
N UNK A 10 -36.20 16.37 16.37
CA UNK A 10 -36.32 15.67 17.65
C UNK A 10 -36.85 14.26 17.42
N UNK A 11 -36.12 13.26 17.94
CA UNK A 11 -36.49 11.87 17.73
C UNK A 11 -36.26 11.07 19.00
N UNK A 12 -36.90 9.91 19.11
CA UNK A 12 -36.75 9.05 20.26
C UNK A 12 -35.61 8.06 20.03
N UNK A 13 -35.09 7.49 21.10
CA UNK A 13 -34.06 6.46 20.98
C UNK A 13 -34.59 5.32 20.11
N UNK A 14 -33.75 4.87 19.18
CA UNK A 14 -34.03 3.81 18.20
C UNK A 14 -34.75 4.30 16.95
N UNK A 15 -35.08 5.60 16.91
CA UNK A 15 -35.77 6.17 15.75
C UNK A 15 -34.78 6.52 14.64
N UNK A 16 -35.31 7.08 13.56
CA UNK A 16 -34.52 7.39 12.37
C UNK A 16 -34.68 8.84 11.92
N UNK A 17 -33.63 9.38 11.30
CA UNK A 17 -33.67 10.70 10.69
C UNK A 17 -32.89 10.62 9.39
N UNK A 18 -33.14 11.55 8.49
CA UNK A 18 -32.39 11.59 7.24
C UNK A 18 -31.91 13.01 7.02
N UNK A 19 -30.61 13.26 7.11
CA UNK A 19 -30.09 14.61 6.92
C UNK A 19 -29.74 14.85 5.47
N UNK A 20 -29.91 16.09 5.02
CA UNK A 20 -29.57 16.50 3.67
C UNK A 20 -28.53 17.61 3.73
N UNK A 21 -27.63 17.62 2.75
CA UNK A 21 -26.65 18.69 2.63
C UNK A 21 -26.67 19.19 1.19
N UNK A 22 -27.23 20.38 0.99
CA UNK A 22 -27.41 20.90 -0.37
C UNK A 22 -26.36 21.93 -0.71
N UNK A 23 -25.71 21.76 -1.85
CA UNK A 23 -24.67 22.68 -2.29
C UNK A 23 -25.20 23.64 -3.34
N UNK A 24 -24.86 24.92 -3.18
CA UNK A 24 -25.25 25.94 -4.15
C UNK A 24 -23.99 26.58 -4.72
N UNK A 25 -24.04 26.88 -6.03
CA UNK A 25 -23.05 27.67 -6.79
C UNK A 25 -21.87 26.87 -7.36
N UNK A 26 -21.71 25.62 -6.97
CA UNK A 26 -20.73 24.74 -7.64
C UNK A 26 -21.16 23.28 -7.54
N UNK A 27 -20.83 22.50 -8.57
CA UNK A 27 -21.16 21.08 -8.61
C UNK A 27 -20.28 20.30 -7.61
N UNK A 28 -20.87 19.29 -7.00
CA UNK A 28 -20.15 18.51 -5.98
C UNK A 28 -19.67 17.17 -6.52
N UNK A 29 -19.97 16.86 -7.77
CA UNK A 29 -19.71 15.54 -8.35
C UNK A 29 -18.25 15.09 -8.20
N UNK A 30 -17.31 16.02 -8.38
CA UNK A 30 -15.89 15.66 -8.38
C UNK A 30 -15.29 15.53 -6.99
N UNK A 31 -16.07 15.84 -5.95
CA UNK A 31 -15.50 15.93 -4.61
C UNK A 31 -16.15 15.00 -3.60
N UNK A 32 -15.35 14.51 -2.66
CA UNK A 32 -15.87 13.79 -1.51
C UNK A 32 -16.67 14.75 -0.63
N UNK A 33 -17.71 14.24 0.01
CA UNK A 33 -18.53 15.02 0.93
C UNK A 33 -18.55 14.31 2.28
N UNK A 34 -18.23 15.05 3.35
CA UNK A 34 -18.16 14.44 4.67
C UNK A 34 -19.18 15.00 5.63
N UNK A 35 -19.62 14.16 6.56
CA UNK A 35 -20.48 14.60 7.65
C UNK A 35 -19.69 14.66 8.95
N UNK A 36 -19.86 15.74 9.70
CA UNK A 36 -19.33 15.91 11.05
C UNK A 36 -20.47 16.09 12.04
N UNK A 37 -20.14 15.96 13.32
CA UNK A 37 -21.06 16.35 14.36
C UNK A 37 -20.31 16.96 15.54
N UNK A 38 -21.01 17.86 16.23
CA UNK A 38 -20.48 18.45 17.46
C UNK A 38 -21.51 18.31 18.58
N UNK A 39 -21.22 17.42 19.52
CA UNK A 39 -22.05 17.24 20.70
C UNK A 39 -21.61 18.21 21.78
N UNK A 40 -22.46 18.38 22.80
CA UNK A 40 -22.13 19.22 23.95
C UNK A 40 -20.84 18.73 24.61
N UNK A 41 -19.96 19.68 24.93
CA UNK A 41 -18.64 19.44 25.52
C UNK A 41 -17.63 18.74 24.65
N UNK A 42 -17.90 18.63 23.37
CA UNK A 42 -16.94 17.98 22.49
C UNK A 42 -16.58 18.86 21.33
N UNK A 43 -15.45 18.51 20.72
CA UNK A 43 -15.03 19.11 19.47
C UNK A 43 -15.90 18.55 18.35
N UNK A 44 -15.88 19.22 17.21
CA UNK A 44 -16.51 18.67 16.01
C UNK A 44 -15.77 17.40 15.65
N UNK A 45 -16.50 16.33 15.35
N UNK A 45 -16.49 16.33 15.34
CA UNK A 45 -15.86 15.06 15.03
CA UNK A 45 -15.88 15.05 15.03
C UNK A 45 -16.43 14.43 13.76
C UNK A 45 -16.44 14.42 13.76
N UNK A 46 -15.59 13.66 13.07
CA UNK A 46 -15.97 12.99 11.84
C UNK A 46 -17.05 11.94 12.07
N UNK A 47 -17.99 11.87 11.12
CA UNK A 47 -19.06 10.88 11.15
C UNK A 47 -18.99 9.95 9.95
N UNK A 48 -18.95 10.51 8.75
CA UNK A 48 -18.93 9.70 7.53
C UNK A 48 -18.44 10.51 6.33
N UNK A 49 -17.97 9.81 5.30
CA UNK A 49 -17.62 10.47 4.05
C UNK A 49 -18.16 9.66 2.87
N UNK A 50 -18.73 10.37 1.90
CA UNK A 50 -19.06 9.76 0.63
C UNK A 50 -18.09 10.30 -0.40
N UNK A 51 -17.19 9.45 -0.89
CA UNK A 51 -16.26 9.86 -1.93
C UNK A 51 -17.04 9.93 -3.25
N UNK A 52 -16.36 10.22 -4.35
CA UNK A 52 -17.05 10.23 -5.65
C UNK A 52 -17.69 8.87 -5.90
N UNK A 53 -18.74 8.84 -6.72
CA UNK A 53 -19.44 7.61 -7.01
C UNK A 53 -18.46 6.54 -7.46
N UNK A 54 -18.53 5.38 -6.81
CA UNK A 54 -17.69 4.18 -7.03
C UNK A 54 -16.38 4.21 -6.24
N UNK A 55 -16.12 5.30 -5.51
CA UNK A 55 -14.90 5.40 -4.71
C UNK A 55 -15.16 5.14 -3.21
N UNK A 56 -16.38 4.71 -2.90
CA UNK A 56 -16.80 4.19 -1.59
C UNK A 56 -17.22 5.23 -0.55
N UNK A 57 -17.71 4.70 0.56
CA UNK A 57 -18.09 5.50 1.71
C UNK A 57 -17.41 4.92 2.96
N UNK A 58 -16.94 5.79 3.84
CA UNK A 58 -16.22 5.36 5.03
C UNK A 58 -16.87 5.98 6.26
N UNK A 59 -16.82 5.26 7.38
CA UNK A 59 -17.57 5.68 8.56
C UNK A 59 -16.73 5.69 9.84
N UNK A 60 -17.14 6.53 10.78
CA UNK A 60 -16.54 6.58 12.10
C UNK A 60 -16.95 5.36 12.91
N UNK A 61 -16.15 5.01 13.91
CA UNK A 61 -16.43 3.85 14.75
C UNK A 61 -17.81 3.92 15.41
N UNK A 62 -18.21 5.13 15.78
CA UNK A 62 -19.44 5.34 16.57
C UNK A 62 -20.74 5.09 15.79
N UNK A 63 -20.67 5.08 14.47
CA UNK A 63 -21.90 5.07 13.67
C UNK A 63 -21.95 3.90 12.72
N UNK A 64 -20.98 3.01 12.84
CA UNK A 64 -20.86 1.89 11.92
C UNK A 64 -22.09 0.99 11.98
N UNK A 65 -22.64 0.71 10.80
CA UNK A 65 -23.77 -0.18 10.56
C UNK A 65 -25.13 0.53 10.75
N UNK A 66 -25.15 1.73 11.33
CA UNK A 66 -26.40 2.46 11.58
C UNK A 66 -26.66 3.61 10.59
N UNK A 67 -25.60 4.28 10.16
CA UNK A 67 -25.70 5.45 9.29
C UNK A 67 -25.25 5.04 7.92
N UNK A 68 -25.92 5.59 6.92
CA UNK A 68 -25.52 5.39 5.55
C UNK A 68 -25.47 6.74 4.85
N UNK A 69 -24.33 7.07 4.28
CA UNK A 69 -24.21 8.28 3.48
C UNK A 69 -24.53 7.94 2.04
N UNK A 70 -25.11 8.90 1.32
CA UNK A 70 -25.48 8.67 -0.07
C UNK A 70 -25.37 9.96 -0.85
N UNK A 71 -25.23 9.84 -2.16
CA UNK A 71 -25.00 11.02 -2.98
C UNK A 71 -26.07 11.19 -4.04
N UNK A 72 -26.35 12.45 -4.32
CA UNK A 72 -27.32 12.83 -5.31
C UNK A 72 -26.69 13.90 -6.20
N UNK A 73 -25.79 13.50 -7.09
CA UNK A 73 -25.02 14.39 -7.97
C UNK A 73 -25.86 15.42 -8.70
N UNK A 74 -26.88 14.88 -9.35
CA UNK A 74 -27.73 15.63 -10.25
C UNK A 74 -28.38 16.77 -9.51
N UNK A 75 -28.63 16.59 -8.22
CA UNK A 75 -29.27 17.62 -7.42
C UNK A 75 -28.27 18.32 -6.48
N UNK A 76 -26.98 18.04 -6.66
CA UNK A 76 -25.93 18.66 -5.86
C UNK A 76 -26.19 18.53 -4.36
N UNK A 77 -26.63 17.34 -3.95
CA UNK A 77 -27.02 17.11 -2.58
C UNK A 77 -26.46 15.78 -2.09
N UNK A 78 -26.05 15.74 -0.83
CA UNK A 78 -25.60 14.50 -0.21
C UNK A 78 -26.49 14.24 0.98
N UNK A 79 -26.62 12.97 1.34
CA UNK A 79 -27.56 12.59 2.37
C UNK A 79 -26.92 11.74 3.44
N UNK A 80 -27.57 11.75 4.59
CA UNK A 80 -27.10 11.01 5.74
C UNK A 80 -28.29 10.33 6.41
N UNK A 81 -28.48 9.06 6.11
CA UNK A 81 -29.59 8.28 6.66
C UNK A 81 -29.19 7.70 8.00
N UNK A 82 -29.81 8.16 9.09
CA UNK A 82 -29.44 7.71 10.43
C UNK A 82 -30.54 6.83 11.03
N UNK A 83 -30.20 5.58 11.33
CA UNK A 83 -31.15 4.66 11.92
C UNK A 83 -30.66 4.27 13.32
N UNK A 84 -31.54 3.68 14.11
CA UNK A 84 -31.19 3.20 15.45
C UNK A 84 -30.48 4.27 16.27
N UNK A 85 -31.05 5.48 16.27
CA UNK A 85 -30.42 6.61 16.93
C UNK A 85 -30.32 6.42 18.44
N UNK A 86 -29.23 6.93 18.99
CA UNK A 86 -28.98 6.87 20.42
C UNK A 86 -28.92 8.30 20.96
N UNK A 87 -29.09 8.46 22.28
CA UNK A 87 -29.05 9.79 22.88
C UNK A 87 -27.70 10.44 22.63
N UNK A 88 -26.64 9.65 22.57
CA UNK A 88 -25.28 10.19 22.37
C UNK A 88 -25.05 10.63 20.93
N UNK A 89 -26.02 10.40 20.05
CA UNK A 89 -25.96 10.91 18.69
C UNK A 89 -26.47 12.35 18.64
N UNK A 90 -27.00 12.85 19.75
CA UNK A 90 -27.46 14.23 19.82
C UNK A 90 -26.27 15.16 19.57
N UNK A 91 -26.44 16.10 18.64
CA UNK A 91 -25.38 17.03 18.24
C UNK A 91 -25.86 17.91 17.09
N UNK A 92 -25.10 18.97 16.81
CA UNK A 92 -25.26 19.70 15.56
C UNK A 92 -24.46 18.96 14.49
N UNK A 93 -25.13 18.60 13.40
CA UNK A 93 -24.46 17.86 12.33
C UNK A 93 -24.10 18.81 11.20
N UNK A 94 -22.87 18.69 10.70
CA UNK A 94 -22.39 19.57 9.64
C UNK A 94 -21.89 18.77 8.45
N UNK A 95 -22.00 19.34 7.26
CA UNK A 95 -21.40 18.75 6.08
C UNK A 95 -20.27 19.65 5.62
N UNK A 96 -19.22 19.04 5.06
CA UNK A 96 -18.11 19.80 4.51
C UNK A 96 -17.72 19.18 3.18
N UNK A 97 -17.29 20.04 2.26
CA UNK A 97 -16.74 19.54 1.01
C UNK A 97 -15.27 19.27 1.23
N UNK A 98 -14.84 18.17 0.65
CA UNK A 98 -13.45 17.81 0.58
C UNK A 98 -12.86 18.50 -0.66
N UNK A 99 -12.17 19.64 -0.49
CA UNK A 99 -11.74 20.46 -1.63
C UNK A 99 -10.68 19.71 -2.44
N UNK A 100 -10.17 18.64 -1.83
CA UNK A 100 -9.05 17.90 -2.38
C UNK A 100 -9.54 16.66 -3.13
N UNK A 101 -9.44 16.68 -4.46
CA UNK A 101 -9.97 15.58 -5.29
C UNK A 101 -9.28 14.24 -5.03
N UNK A 102 -8.08 14.31 -4.43
CA UNK A 102 -7.33 13.12 -4.09
C UNK A 102 -7.65 12.62 -2.67
N UNK A 103 -8.59 13.30 -2.01
CA UNK A 103 -9.24 12.85 -0.77
C UNK A 103 -8.42 12.97 0.51
N UNK A 104 -7.57 13.99 0.61
CA UNK A 104 -6.76 14.18 1.82
C UNK A 104 -7.48 14.98 2.91
N UNK A 105 -8.75 15.32 2.65
CA UNK A 105 -9.58 16.20 3.49
C UNK A 105 -9.12 17.61 3.66
N UNK A 106 -9.04 18.35 2.58
CA UNK A 106 -8.96 19.79 2.68
C UNK A 106 -10.40 20.27 2.90
N UNK A 107 -10.86 20.31 4.16
CA UNK A 107 -12.18 20.83 4.48
C UNK A 107 -12.17 22.35 4.57
N UNK A 108 -12.37 23.03 3.46
CA UNK A 108 -12.37 24.48 3.46
C UNK A 108 -13.79 25.05 3.61
N UNK A 109 -14.78 24.40 2.98
CA UNK A 109 -16.16 24.89 3.03
C UNK A 109 -17.07 24.02 3.87
N UNK A 110 -17.86 24.68 4.72
CA UNK A 110 -18.75 24.03 5.68
C UNK A 110 -20.17 24.58 5.63
N UNK A 111 -21.15 23.77 6.03
CA UNK A 111 -22.52 24.23 6.22
C UNK A 111 -22.69 24.83 7.61
N UNK A 112 -23.84 25.42 7.92
CA UNK A 112 -24.03 26.07 9.21
C UNK A 112 -24.59 25.11 10.26
N UNK A 113 -24.87 23.88 9.85
CA UNK A 113 -25.31 22.75 10.69
C UNK A 113 -26.82 22.65 10.91
N UNK A 114 -27.21 21.47 11.37
CA UNK A 114 -28.61 21.17 11.67
C UNK A 114 -28.64 20.34 12.95
N UNK A 115 -29.55 20.70 13.86
CA UNK A 115 -29.56 20.12 15.20
C UNK A 115 -30.32 18.80 15.30
N UNK A 116 -29.62 17.73 15.67
CA UNK A 116 -30.26 16.46 15.92
C UNK A 116 -30.35 16.25 17.42
N UNK A 117 -31.54 15.92 17.90
CA UNK A 117 -31.75 15.66 19.32
C UNK A 117 -32.46 14.33 19.50
N UNK A 118 -31.78 13.41 20.17
CA UNK A 118 -32.34 12.08 20.42
C UNK A 118 -32.59 11.93 21.91
N UNK A 119 -33.86 11.79 22.31
CA UNK A 119 -34.20 11.70 23.73
C UNK A 119 -35.58 11.08 23.96
N UNK A 120 -35.73 10.41 25.09
CA UNK A 120 -37.02 9.88 25.50
C UNK A 120 -37.94 11.02 25.92
N VAL B 2 10.63 -31.40 -5.88
CA VAL B 2 10.84 -30.45 -6.96
C VAL B 2 11.27 -29.11 -6.41
N GLN B 3 12.34 -28.57 -6.97
CA GLN B 3 12.86 -27.30 -6.56
C GLN B 3 13.38 -26.54 -7.75
N LEU B 4 13.06 -25.25 -7.80
CA LEU B 4 13.59 -24.32 -8.79
C LEU B 4 14.39 -23.28 -8.00
N GLN B 5 15.72 -23.33 -8.14
CA GLN B 5 16.62 -22.48 -7.37
C GLN B 5 17.21 -21.43 -8.31
N GLN B 6 16.87 -20.17 -8.06
CA GLN B 6 17.33 -19.07 -8.89
C GLN B 6 18.56 -18.39 -8.28
N SER B 7 19.32 -17.74 -9.15
CA SER B 7 20.56 -17.09 -8.74
C SER B 7 20.25 -15.80 -7.97
N GLY B 8 21.29 -15.27 -7.33
CA GLY B 8 21.14 -14.16 -6.41
C GLY B 8 20.84 -12.83 -7.09
N ALA B 9 20.71 -11.80 -6.25
CA ALA B 9 20.30 -10.49 -6.71
C ALA B 9 21.32 -9.91 -7.68
N GLU B 10 20.82 -9.15 -8.67
CA GLU B 10 21.63 -8.61 -9.75
C GLU B 10 21.55 -7.10 -9.76
N LEU B 11 22.68 -6.47 -10.07
CA LEU B 11 22.81 -5.02 -10.17
C LEU B 11 23.47 -4.71 -11.50
N SER B 12 22.95 -3.74 -12.24
CA SER B 12 23.53 -3.44 -13.54
C SER B 12 23.43 -1.95 -13.85
N LYS B 13 24.44 -1.46 -14.57
CA LYS B 13 24.41 -0.15 -15.17
C LYS B 13 23.55 -0.19 -16.44
N PRO B 14 22.94 0.94 -16.82
CA PRO B 14 22.12 0.96 -18.03
C PRO B 14 22.94 0.60 -19.27
N GLY B 15 22.28 -0.04 -20.22
CA GLY B 15 22.92 -0.42 -21.47
C GLY B 15 23.67 -1.73 -21.44
N ALA B 16 23.97 -2.25 -20.25
CA ALA B 16 24.67 -3.52 -20.12
C ALA B 16 23.67 -4.68 -20.20
N SER B 17 24.13 -5.89 -19.95
CA SER B 17 23.27 -7.06 -19.95
C SER B 17 23.54 -7.89 -18.70
N VAL B 18 22.58 -8.75 -18.38
CA VAL B 18 22.66 -9.60 -17.20
C VAL B 18 22.09 -10.97 -17.55
N LYS B 19 22.58 -11.99 -16.87
CA LYS B 19 22.16 -13.36 -17.09
C LYS B 19 21.90 -14.01 -15.74
N MET B 20 20.67 -14.51 -15.55
CA MET B 20 20.28 -15.17 -14.31
C MET B 20 19.94 -16.62 -14.62
N SER B 21 19.96 -17.44 -13.58
CA SER B 21 19.82 -18.89 -13.74
C SER B 21 18.66 -19.40 -12.91
N CYS B 22 18.22 -20.61 -13.27
CA CYS B 22 17.12 -21.30 -12.62
C CYS B 22 17.50 -22.78 -12.62
N LYS B 23 17.95 -23.29 -11.47
CA LYS B 23 18.39 -24.68 -11.36
C LYS B 23 17.22 -25.55 -10.91
N ALA B 24 16.89 -26.53 -11.74
CA ALA B 24 15.79 -27.45 -11.46
C ALA B 24 16.32 -28.74 -10.86
N SER B 25 15.62 -29.25 -9.86
CA SER B 25 15.96 -30.51 -9.23
C SER B 25 14.68 -31.24 -8.85
N GLY B 26 14.80 -32.55 -8.67
CA GLY B 26 13.68 -33.36 -8.25
C GLY B 26 12.80 -33.90 -9.35
N TYR B 27 13.13 -33.64 -10.61
CA TYR B 27 12.38 -34.17 -11.74
C TYR B 27 13.30 -34.16 -12.96
N THR B 28 12.80 -34.76 -14.04
CA THR B 28 13.55 -34.79 -15.30
C THR B 28 13.43 -33.44 -15.97
N PHE B 29 14.56 -32.73 -16.06
CA PHE B 29 14.58 -31.34 -16.54
C PHE B 29 13.94 -31.19 -17.91
N THR B 30 14.19 -32.13 -18.82
CA THR B 30 13.69 -32.01 -20.19
C THR B 30 12.19 -32.28 -20.32
N SER B 31 11.49 -32.68 -19.26
CA SER B 31 10.12 -33.15 -19.38
C SER B 31 9.07 -32.05 -19.29
N TYR B 32 9.44 -30.83 -18.88
CA TYR B 32 8.46 -29.77 -18.71
C TYR B 32 9.04 -28.46 -19.22
N TRP B 33 8.20 -27.65 -19.87
CA TRP B 33 8.63 -26.33 -20.29
C TRP B 33 8.93 -25.48 -19.07
N LEU B 34 9.84 -24.53 -19.24
CA LEU B 34 10.30 -23.68 -18.14
C LEU B 34 9.99 -22.23 -18.51
N HIS B 35 9.08 -21.62 -17.77
CA HIS B 35 8.59 -20.27 -18.06
C HIS B 35 9.31 -19.23 -17.20
N TRP B 36 9.32 -17.99 -17.70
CA TRP B 36 9.88 -16.86 -16.97
C TRP B 36 8.84 -15.75 -16.84
N ILE B 37 8.83 -15.10 -15.68
CA ILE B 37 7.80 -14.11 -15.34
C ILE B 37 8.49 -12.88 -14.77
N LYS B 38 7.99 -11.70 -15.12
CA LYS B 38 8.50 -10.43 -14.63
C LYS B 38 7.50 -9.80 -13.68
N GLN B 39 7.98 -9.36 -12.52
CA GLN B 39 7.15 -8.68 -11.52
C GLN B 39 7.75 -7.29 -11.25
N ARG B 40 7.12 -6.25 -11.82
CA ARG B 40 7.51 -4.85 -11.67
C ARG B 40 6.44 -4.10 -10.90
N PRO B 41 6.83 -3.26 -9.92
CA PRO B 41 5.87 -2.66 -8.97
C PRO B 41 4.52 -2.25 -9.51
N GLY B 42 4.48 -1.49 -10.61
CA GLY B 42 3.21 -1.05 -11.15
C GLY B 42 2.77 -1.80 -12.39
N GLN B 43 3.23 -3.05 -12.56
CA GLN B 43 2.95 -3.80 -13.78
C GLN B 43 2.51 -5.22 -13.49
N GLY B 44 2.04 -5.51 -12.28
CA GLY B 44 1.51 -6.83 -11.95
C GLY B 44 2.51 -7.93 -12.21
N LEU B 45 2.04 -9.00 -12.85
CA LEU B 45 2.88 -10.11 -13.29
C LEU B 45 2.78 -10.21 -14.81
N GLU B 46 3.91 -10.39 -15.48
CA GLU B 46 3.94 -10.47 -16.93
C GLU B 46 4.74 -11.69 -17.37
N TRP B 47 4.11 -12.55 -18.17
CA TRP B 47 4.80 -13.70 -18.74
C TRP B 47 5.83 -13.24 -19.78
N ILE B 48 7.06 -13.72 -19.65
CA ILE B 48 8.13 -13.36 -20.59
C ILE B 48 8.21 -14.35 -21.74
N GLY B 49 8.09 -15.63 -21.44
CA GLY B 49 8.31 -16.67 -22.43
C GLY B 49 8.71 -17.96 -21.76
N TYR B 50 8.95 -18.97 -22.59
CA TYR B 50 9.36 -20.27 -22.09
C TYR B 50 10.42 -20.87 -23.00
N ILE B 51 11.13 -21.85 -22.45
CA ILE B 51 12.01 -22.71 -23.24
C ILE B 51 11.58 -24.15 -23.01
N ASN B 52 11.57 -24.92 -24.08
CA ASN B 52 11.40 -26.36 -23.98
C ASN B 52 12.79 -26.96 -23.85
N PRO B 53 13.20 -27.39 -22.64
CA PRO B 53 14.57 -27.88 -22.47
C PRO B 53 14.87 -29.15 -23.26
N ARG B 54 13.85 -29.90 -23.68
CA ARG B 54 14.09 -31.12 -24.45
C ARG B 54 14.73 -30.80 -25.79
N ASN B 55 14.33 -29.68 -26.41
CA ASN B 55 14.77 -29.36 -27.76
C ASN B 55 15.28 -27.93 -27.94
N ASP B 56 15.38 -27.14 -26.86
CA ASP B 56 15.86 -25.76 -26.87
C ASP B 56 14.95 -24.81 -27.63
N TYR B 57 13.75 -25.24 -28.00
CA TYR B 57 12.80 -24.33 -28.64
C TYR B 57 12.33 -23.28 -27.64
N THR B 58 12.26 -22.03 -28.10
CA THR B 58 11.83 -20.92 -27.25
C THR B 58 10.64 -20.19 -27.87
N GLU B 59 9.79 -19.67 -27.00
CA GLU B 59 8.63 -18.87 -27.37
C GLU B 59 8.59 -17.66 -26.45
N TYR B 60 8.36 -16.48 -27.03
CA TYR B 60 8.46 -15.23 -26.29
C TYR B 60 7.15 -14.46 -26.32
N ASN B 61 6.82 -13.84 -25.18
CA ASN B 61 5.91 -12.71 -25.19
C ASN B 61 6.45 -11.65 -26.15
N GLN B 62 5.56 -11.13 -27.00
CA GLN B 62 5.99 -10.15 -28.00
C GLN B 62 6.70 -8.96 -27.37
N ASN B 63 6.29 -8.56 -26.16
CA ASN B 63 6.91 -7.43 -25.48
C ASN B 63 8.35 -7.69 -25.08
N PHE B 64 8.82 -8.93 -25.12
CA PHE B 64 10.16 -9.28 -24.68
C PHE B 64 11.01 -9.90 -25.79
N LYS B 65 10.53 -9.89 -27.04
CA LYS B 65 11.22 -10.63 -28.09
C LYS B 65 12.62 -10.09 -28.35
N ASP B 66 12.86 -8.82 -28.07
CA ASP B 66 14.19 -8.24 -28.23
C ASP B 66 14.93 -8.07 -26.91
N LYS B 67 14.24 -8.24 -25.79
CA LYS B 67 14.82 -8.01 -24.46
C LYS B 67 15.41 -9.27 -23.84
N ALA B 68 14.70 -10.39 -23.94
CA ALA B 68 15.07 -11.61 -23.24
C ALA B 68 15.60 -12.66 -24.21
N THR B 69 16.60 -13.42 -23.76
CA THR B 69 17.07 -14.59 -24.47
C THR B 69 17.09 -15.76 -23.50
N LEU B 70 16.30 -16.79 -23.79
CA LEU B 70 16.18 -17.95 -22.93
C LEU B 70 17.04 -19.09 -23.46
N THR B 71 17.82 -19.70 -22.57
CA THR B 71 18.65 -20.86 -22.92
C THR B 71 18.52 -21.91 -21.84
N ALA B 72 19.06 -23.10 -22.12
CA ALA B 72 18.99 -24.20 -21.17
C ALA B 72 20.21 -25.10 -21.35
N ASP B 73 20.63 -25.71 -20.25
CA ASP B 73 21.76 -26.64 -20.21
C ASP B 73 21.25 -27.97 -19.65
N LYS B 74 21.01 -28.93 -20.56
CA LYS B 74 20.48 -30.22 -20.13
C LYS B 74 21.38 -30.90 -19.11
N SER B 75 22.70 -30.81 -19.31
CA SER B 75 23.63 -31.56 -18.46
C SER B 75 23.57 -31.09 -17.01
N SER B 76 23.33 -29.80 -16.79
CA SER B 76 23.28 -29.25 -15.44
C SER B 76 21.87 -28.95 -14.95
N SER B 77 20.86 -29.31 -15.76
CA SER B 77 19.45 -29.09 -15.41
C SER B 77 19.20 -27.64 -15.03
N THR B 78 19.78 -26.71 -15.79
CA THR B 78 19.71 -25.29 -15.48
C THR B 78 19.21 -24.53 -16.69
N ALA B 79 18.23 -23.66 -16.47
CA ALA B 79 17.77 -22.71 -17.48
C ALA B 79 18.32 -21.33 -17.16
N TYR B 80 18.49 -20.53 -18.21
CA TYR B 80 19.05 -19.19 -18.08
C TYR B 80 18.16 -18.19 -18.81
N MET B 81 18.14 -16.97 -18.29
CA MET B 81 17.53 -15.85 -19.00
C MET B 81 18.52 -14.70 -19.02
N GLU B 82 18.86 -14.24 -20.22
CA GLU B 82 19.70 -13.07 -20.41
C GLU B 82 18.82 -11.89 -20.79
N LEU B 83 19.00 -10.77 -20.10
CA LEU B 83 18.33 -9.51 -20.43
C LEU B 83 19.37 -8.53 -20.90
N SER B 84 19.17 -7.98 -22.09
CA SER B 84 20.14 -7.09 -22.73
C SER B 84 19.60 -5.68 -22.84
N SER B 85 20.52 -4.76 -23.16
CA SER B 85 20.20 -3.34 -23.36
C SER B 85 19.39 -2.80 -22.19
N LEU B 86 19.93 -3.00 -20.99
CA LEU B 86 19.15 -2.78 -19.78
C LEU B 86 18.84 -1.31 -19.57
N THR B 87 17.62 -1.03 -19.13
CA THR B 87 17.22 0.28 -18.64
C THR B 87 16.55 0.10 -17.28
N SER B 88 16.24 1.23 -16.64
CA SER B 88 15.55 1.16 -15.35
C SER B 88 14.18 0.50 -15.48
N GLU B 89 13.61 0.44 -16.68
CA GLU B 89 12.35 -0.26 -16.88
C GLU B 89 12.48 -1.76 -16.67
N ASP B 90 13.70 -2.30 -16.76
CA ASP B 90 13.94 -3.72 -16.54
C ASP B 90 14.12 -4.08 -15.06
N SER B 91 14.22 -3.08 -14.19
CA SER B 91 14.26 -3.35 -12.75
C SER B 91 12.97 -4.03 -12.33
N ALA B 92 13.08 -5.19 -11.69
CA ALA B 92 11.92 -6.01 -11.33
C ALA B 92 12.41 -7.25 -10.59
N VAL B 93 11.45 -8.03 -10.10
CA VAL B 93 11.69 -9.38 -9.61
C VAL B 93 11.34 -10.34 -10.74
N TYR B 94 12.24 -11.27 -11.03
CA TYR B 94 12.03 -12.24 -12.10
C TYR B 94 11.94 -13.64 -11.51
N TYR B 95 11.02 -14.43 -12.04
CA TYR B 95 10.81 -15.81 -11.61
C TYR B 95 10.92 -16.75 -12.78
N CYS B 96 11.36 -17.97 -12.50
CA CYS B 96 11.12 -19.10 -13.38
C CYS B 96 10.03 -19.98 -12.77
N ALA B 97 9.28 -20.66 -13.62
CA ALA B 97 8.17 -21.46 -13.12
C ALA B 97 7.84 -22.54 -14.14
N ARG B 98 7.14 -23.57 -13.66
CA ARG B 98 6.61 -24.61 -14.53
C ARG B 98 5.38 -25.20 -13.85
N ARG B 99 4.59 -25.94 -14.62
CA ARG B 99 3.36 -26.51 -14.08
C ARG B 99 3.52 -28.00 -13.85
N ASP B 100 2.66 -28.52 -13.00
CA ASP B 100 2.58 -29.94 -12.68
C ASP B 100 1.11 -30.33 -12.72
N ILE B 101 0.82 -31.59 -12.36
CA ILE B 101 -0.54 -32.07 -12.45
C ILE B 101 -1.41 -31.47 -11.35
N THR B 102 -0.87 -31.31 -10.14
CA THR B 102 -1.65 -30.82 -9.01
C THR B 102 -1.12 -29.52 -8.43
N THR B 103 -0.14 -28.88 -9.06
CA THR B 103 0.39 -27.63 -8.54
C THR B 103 1.20 -26.92 -9.64
N PHE B 104 1.74 -25.77 -9.28
CA PHE B 104 2.77 -25.09 -10.05
C PHE B 104 4.00 -24.91 -9.16
N TYR B 105 5.18 -25.00 -9.77
CA TYR B 105 6.42 -24.77 -9.06
C TYR B 105 7.04 -23.47 -9.53
N TRP B 106 7.35 -22.59 -8.58
CA TRP B 106 7.97 -21.30 -8.87
C TRP B 106 9.32 -21.23 -8.19
N GLY B 107 10.28 -20.60 -8.86
CA GLY B 107 11.53 -20.25 -8.20
C GLY B 107 11.30 -19.17 -7.16
N GLN B 108 12.32 -18.94 -6.33
CA GLN B 108 12.16 -17.95 -5.27
C GLN B 108 12.28 -16.52 -5.78
N GLY B 109 12.70 -16.32 -7.02
CA GLY B 109 12.80 -15.00 -7.60
C GLY B 109 14.21 -14.47 -7.57
N THR B 110 14.55 -13.68 -8.60
CA THR B 110 15.80 -12.94 -8.67
C THR B 110 15.48 -11.47 -8.88
N THR B 111 16.01 -10.61 -8.01
CA THR B 111 15.76 -9.18 -8.09
C THR B 111 16.85 -8.51 -8.92
N LEU B 112 16.44 -7.68 -9.87
CA LEU B 112 17.35 -6.94 -10.72
C LEU B 112 17.11 -5.45 -10.52
N THR B 113 18.18 -4.71 -10.24
CA THR B 113 18.14 -3.25 -10.19
C THR B 113 19.06 -2.71 -11.28
N VAL B 114 18.51 -1.85 -12.14
CA VAL B 114 19.27 -1.20 -13.20
C VAL B 114 19.34 0.29 -12.87
N SER B 115 20.55 0.80 -12.71
CA SER B 115 20.73 2.19 -12.30
C SER B 115 22.16 2.62 -12.61
N SER B 116 22.33 3.93 -12.78
CA SER B 116 23.66 4.51 -12.85
C SER B 116 24.31 4.60 -11.47
N ALA B 117 23.57 4.35 -10.40
CA ALA B 117 24.13 4.43 -9.06
C ALA B 117 25.06 3.26 -8.79
N SER B 118 25.93 3.44 -7.80
CA SER B 118 26.85 2.41 -7.36
C SER B 118 26.58 2.07 -5.91
N THR B 119 26.96 0.85 -5.53
CA THR B 119 26.68 0.36 -4.18
C THR B 119 27.28 1.28 -3.12
N LYS B 120 26.48 1.55 -2.09
CA LYS B 120 26.85 2.53 -1.07
C LYS B 120 26.06 2.23 0.18
N GLY B 121 26.73 2.21 1.33
CA GLY B 121 26.08 1.97 2.59
C GLY B 121 25.39 3.21 3.13
N PRO B 122 24.38 3.02 3.98
CA PRO B 122 23.62 4.15 4.48
C PRO B 122 24.33 4.88 5.60
N SER B 123 23.97 6.15 5.75
CA SER B 123 24.19 6.88 7.00
C SER B 123 22.95 6.73 7.86
N VAL B 124 23.17 6.54 9.15
CA VAL B 124 22.08 6.30 10.10
C VAL B 124 22.03 7.47 11.08
N PHE B 125 20.89 8.16 11.13
CA PHE B 125 20.73 9.31 12.01
C PHE B 125 19.58 9.11 12.98
N PRO B 126 19.73 9.53 14.23
CA PRO B 126 18.63 9.37 15.19
C PRO B 126 17.48 10.32 14.90
N LEU B 127 16.28 9.84 15.11
CA LEU B 127 15.06 10.66 15.13
C LEU B 127 14.64 10.75 16.59
N ALA B 128 14.97 11.86 17.23
CA ALA B 128 14.90 11.89 18.70
C ALA B 128 13.51 12.27 19.18
N PRO B 129 13.01 11.63 20.25
CA PRO B 129 11.68 11.86 20.83
C PRO B 129 11.58 13.20 21.55
N GLY B 137 1.63 11.17 26.74
CA GLY B 137 2.06 9.91 27.30
C GLY B 137 2.88 9.06 26.34
N THR B 138 2.69 9.28 25.04
CA THR B 138 3.34 8.46 24.01
C THR B 138 4.43 9.28 23.31
N ALA B 139 5.61 8.71 23.21
CA ALA B 139 6.73 9.31 22.51
C ALA B 139 7.05 8.49 21.25
N ALA B 140 7.46 9.19 20.21
CA ALA B 140 7.93 8.55 18.99
C ALA B 140 9.43 8.78 18.86
N LEU B 141 10.14 7.75 18.42
CA LEU B 141 11.56 7.86 18.12
C LEU B 141 11.85 6.98 16.91
N GLY B 142 13.02 7.19 16.31
CA GLY B 142 13.32 6.43 15.12
C GLY B 142 14.74 6.61 14.65
N CYS B 143 15.00 6.06 13.47
CA CYS B 143 16.29 6.20 12.80
C CYS B 143 16.06 6.51 11.34
N LEU B 144 16.77 7.51 10.82
CA LEU B 144 16.76 7.83 9.41
C LEU B 144 17.92 7.07 8.76
N VAL B 145 17.59 6.23 7.78
CA VAL B 145 18.57 5.39 7.08
C VAL B 145 18.70 5.97 5.68
N LYS B 146 19.71 6.82 5.48
CA LYS B 146 19.75 7.72 4.34
C LYS B 146 20.92 7.42 3.40
N ASP B 147 20.66 7.55 2.10
CA ASP B 147 21.67 7.56 1.05
C ASP B 147 22.36 6.21 0.87
N TYR B 148 21.60 5.17 0.56
CA TYR B 148 22.16 3.85 0.31
C TYR B 148 21.72 3.33 -1.05
N PHE B 149 22.47 2.36 -1.57
CA PHE B 149 22.16 1.70 -2.83
C PHE B 149 22.89 0.36 -2.86
N PRO B 150 22.27 -0.71 -3.36
CA PRO B 150 20.86 -0.80 -3.77
C PRO B 150 19.96 -1.15 -2.58
N GLU B 151 18.69 -1.40 -2.84
CA GLU B 151 17.86 -2.03 -1.83
C GLU B 151 18.32 -3.47 -1.64
N PRO B 152 18.03 -4.08 -0.48
CA PRO B 152 17.30 -3.54 0.67
C PRO B 152 18.18 -3.27 1.87
N VAL B 153 17.61 -2.59 2.87
CA VAL B 153 18.18 -2.57 4.21
C VAL B 153 17.18 -3.24 5.13
N THR B 154 17.67 -3.70 6.27
CA THR B 154 16.82 -4.21 7.34
C THR B 154 17.05 -3.39 8.59
N VAL B 155 15.98 -3.14 9.33
CA VAL B 155 16.04 -2.42 10.59
C VAL B 155 15.30 -3.24 11.63
N SER B 156 15.96 -3.47 12.77
CA SER B 156 15.30 -4.02 13.95
C SER B 156 15.52 -3.06 15.10
N TRP B 157 14.81 -3.30 16.19
CA TRP B 157 14.91 -2.47 17.39
C TRP B 157 15.24 -3.34 18.59
N ASN B 158 16.28 -2.93 19.33
CA ASN B 158 16.76 -3.66 20.51
C ASN B 158 17.00 -5.13 20.19
N SER B 159 17.62 -5.37 19.03
CA SER B 159 17.99 -6.71 18.58
C SER B 159 16.77 -7.64 18.47
N GLY B 160 15.61 -7.07 18.16
CA GLY B 160 14.39 -7.83 18.03
C GLY B 160 13.54 -7.89 19.29
N ALA B 161 14.04 -7.38 20.41
CA ALA B 161 13.24 -7.37 21.64
C ALA B 161 12.09 -6.37 21.58
N LEU B 162 12.11 -5.46 20.60
CA LEU B 162 11.07 -4.44 20.45
C LEU B 162 10.48 -4.57 19.05
N THR B 163 9.20 -4.97 18.97
CA THR B 163 8.55 -5.14 17.68
C THR B 163 7.20 -4.42 17.63
N SER B 164 6.51 -4.33 18.75
CA SER B 164 5.19 -3.73 18.75
C SER B 164 5.30 -2.22 18.57
N GLY B 165 4.51 -1.67 17.63
CA GLY B 165 4.54 -0.26 17.34
C GLY B 165 5.67 0.18 16.41
N VAL B 166 6.45 -0.75 15.88
CA VAL B 166 7.53 -0.41 14.94
C VAL B 166 6.94 -0.25 13.55
N HIS B 167 7.29 0.83 12.87
CA HIS B 167 6.97 1.00 11.46
C HIS B 167 8.25 1.35 10.71
N THR B 168 8.67 0.45 9.82
CA THR B 168 9.81 0.68 8.94
C THR B 168 9.25 0.95 7.56
N PHE B 169 9.43 2.16 7.08
CA PHE B 169 8.71 2.60 5.90
C PHE B 169 9.40 2.10 4.63
N PRO B 170 8.64 1.96 3.54
CA PRO B 170 9.26 1.65 2.26
C PRO B 170 10.26 2.73 1.89
N ALA B 171 11.32 2.31 1.21
CA ALA B 171 12.34 3.26 0.78
C ALA B 171 11.80 4.17 -0.30
N VAL B 172 12.29 5.40 -0.33
CA VAL B 172 12.03 6.33 -1.44
C VAL B 172 13.33 6.49 -2.21
N LEU B 173 13.22 6.52 -3.54
CA LEU B 173 14.35 6.82 -4.39
C LEU B 173 14.53 8.33 -4.47
N GLN B 174 15.68 8.82 -4.01
CA GLN B 174 15.94 10.25 -4.02
C GLN B 174 16.45 10.67 -5.40
N SER B 175 16.45 12.00 -5.63
CA SER B 175 16.93 12.53 -6.90
C SER B 175 18.40 12.22 -7.14
N SER B 176 19.15 11.94 -6.07
CA SER B 176 20.54 11.53 -6.20
C SER B 176 20.71 10.15 -6.79
N GLY B 177 19.63 9.37 -6.91
CA GLY B 177 19.73 7.97 -7.26
C GLY B 177 19.95 7.05 -6.08
N LEU B 178 20.02 7.59 -4.86
CA LEU B 178 20.18 6.80 -3.66
C LEU B 178 18.86 6.68 -2.91
N TYR B 179 18.72 5.59 -2.15
CA TYR B 179 17.50 5.36 -1.38
C TYR B 179 17.62 5.94 0.03
N SER B 180 16.46 6.18 0.64
CA SER B 180 16.39 6.63 2.01
C SER B 180 15.09 6.11 2.61
N LEU B 181 15.15 5.73 3.88
CA LEU B 181 13.94 5.34 4.60
C LEU B 181 14.11 5.67 6.06
N SER B 182 12.98 5.71 6.77
CA SER B 182 13.00 5.85 8.21
C SER B 182 12.32 4.65 8.85
N SER B 183 12.74 4.34 10.06
CA SER B 183 12.10 3.35 10.90
C SER B 183 11.76 4.03 12.22
N VAL B 184 10.52 3.91 12.66
CA VAL B 184 10.07 4.59 13.85
C VAL B 184 9.41 3.59 14.79
N VAL B 185 9.28 3.98 16.05
CA VAL B 185 8.56 3.20 17.04
C VAL B 185 7.98 4.18 18.05
N THR B 186 6.80 3.85 18.57
CA THR B 186 6.18 4.63 19.63
C THR B 186 6.30 3.87 20.94
N VAL B 187 6.70 4.58 21.98
CA VAL B 187 6.92 4.00 23.31
C VAL B 187 6.35 4.95 24.35
N PRO B 188 6.10 4.47 25.56
CA PRO B 188 5.68 5.38 26.63
C PRO B 188 6.76 6.41 26.91
N SER B 189 6.34 7.67 27.04
CA SER B 189 7.28 8.72 27.43
C SER B 189 7.96 8.40 28.76
N SER B 190 7.23 7.77 29.67
CA SER B 190 7.77 7.42 30.98
C SER B 190 8.85 6.36 30.93
N SER B 191 9.05 5.71 29.77
CA SER B 191 10.07 4.69 29.63
C SER B 191 11.41 5.23 29.18
N LEU B 192 11.47 6.49 28.72
CA LEU B 192 12.68 6.99 28.09
C LEU B 192 13.86 7.03 29.06
N GLY B 193 13.60 7.17 30.36
CA GLY B 193 14.67 7.19 31.33
C GLY B 193 15.04 5.86 31.93
N THR B 194 14.31 4.80 31.57
CA THR B 194 14.55 3.48 32.14
C THR B 194 14.81 2.39 31.10
N GLN B 195 14.64 2.67 29.81
CA GLN B 195 14.83 1.68 28.77
C GLN B 195 15.64 2.28 27.63
N THR B 196 16.65 1.55 27.18
CA THR B 196 17.46 1.96 26.04
C THR B 196 16.77 1.57 24.74
N TYR B 197 16.85 2.44 23.74
CA TYR B 197 16.27 2.18 22.43
C TYR B 197 17.36 2.27 21.37
N ILE B 198 17.55 1.18 20.63
CA ILE B 198 18.65 1.02 19.69
C ILE B 198 18.09 0.48 18.38
N CYS B 199 18.37 1.17 17.28
CA CYS B 199 18.00 0.68 15.96
C CYS B 199 19.18 -0.08 15.36
N ASN B 200 18.92 -1.30 14.90
CA ASN B 200 19.93 -2.16 14.30
C ASN B 200 19.73 -2.12 12.79
N VAL B 201 20.68 -1.51 12.09
CA VAL B 201 20.58 -1.33 10.64
C VAL B 201 21.59 -2.25 9.97
N ASN B 202 21.14 -2.95 8.92
CA ASN B 202 22.01 -3.82 8.13
C ASN B 202 21.77 -3.56 6.66
N HIS B 203 22.84 -3.26 5.93
CA HIS B 203 22.83 -3.12 4.48
C HIS B 203 23.83 -4.15 3.96
N LYS B 204 23.32 -5.34 3.63
CA LYS B 204 24.21 -6.43 3.24
C LYS B 204 25.04 -6.15 1.98
N PRO B 205 24.53 -5.49 0.93
CA PRO B 205 25.38 -5.25 -0.24
C PRO B 205 26.68 -4.53 0.07
N SER B 206 26.70 -3.67 1.09
CA SER B 206 27.91 -2.94 1.46
C SER B 206 28.54 -3.47 2.75
N ASN B 207 27.98 -4.54 3.32
CA ASN B 207 28.42 -5.09 4.62
C ASN B 207 28.31 -4.05 5.73
N THR B 208 27.40 -3.09 5.57
CA THR B 208 27.23 -2.05 6.57
C THR B 208 26.36 -2.58 7.72
N LYS B 209 26.85 -2.41 8.95
CA LYS B 209 26.10 -2.71 10.16
C LYS B 209 26.25 -1.52 11.10
N VAL B 210 25.12 -0.96 11.54
CA VAL B 210 25.11 0.18 12.46
C VAL B 210 24.04 -0.06 13.51
N ASP B 211 24.42 0.03 14.78
CA ASP B 211 23.49 -0.14 15.91
C ASP B 211 23.52 1.13 16.74
N LYS B 212 22.53 1.99 16.56
CA LYS B 212 22.53 3.33 17.12
C LYS B 212 21.57 3.46 18.29
N ARG B 213 22.09 3.93 19.42
CA ARG B 213 21.22 4.32 20.53
C ARG B 213 20.53 5.63 20.19
N VAL B 214 19.23 5.68 20.45
CA VAL B 214 18.39 6.85 20.16
C VAL B 214 17.90 7.40 21.49
N GLU B 215 18.33 8.62 21.82
CA GLU B 215 17.95 9.21 23.09
C GLU B 215 17.45 10.63 22.88
N PRO B 216 16.57 11.13 23.77
CA PRO B 216 16.07 12.50 23.66
C PRO B 216 17.17 13.55 23.72
N ILE C 2 -4.08 -15.09 -25.77
CA ILE C 2 -5.26 -15.05 -24.91
C ILE C 2 -5.07 -13.94 -23.87
N GLN C 3 -6.01 -13.00 -23.84
CA GLN C 3 -5.97 -11.86 -22.94
C GLN C 3 -6.84 -12.12 -21.72
N LEU C 4 -6.38 -11.64 -20.57
CA LEU C 4 -7.12 -11.79 -19.32
C LEU C 4 -7.45 -10.40 -18.78
N THR C 5 -8.71 -10.20 -18.43
CA THR C 5 -9.18 -8.94 -17.86
C THR C 5 -9.76 -9.21 -16.48
N GLN C 6 -9.22 -8.53 -15.48
CA GLN C 6 -9.70 -8.67 -14.11
C GLN C 6 -10.44 -7.41 -13.67
N SER C 7 -11.50 -7.60 -12.90
CA SER C 7 -12.30 -6.51 -12.37
C SER C 7 -12.84 -6.92 -11.02
N PRO C 8 -12.91 -6.00 -10.05
CA PRO C 8 -12.38 -4.64 -10.18
C PRO C 8 -10.87 -4.62 -10.01
N SER C 9 -10.22 -3.51 -10.37
CA SER C 9 -8.77 -3.46 -10.20
C SER C 9 -8.38 -3.39 -8.73
N SER C 10 -9.22 -2.76 -7.90
CA SER C 10 -8.97 -2.68 -6.47
C SER C 10 -10.32 -2.52 -5.76
N LEU C 11 -10.38 -3.05 -4.54
CA LEU C 11 -11.55 -2.87 -3.70
C LEU C 11 -11.13 -2.94 -2.24
N ALA C 12 -11.95 -2.35 -1.39
CA ALA C 12 -11.78 -2.41 0.06
C ALA C 12 -13.02 -3.04 0.67
N VAL C 13 -12.83 -4.10 1.45
CA VAL C 13 -13.93 -4.86 2.03
C VAL C 13 -13.62 -5.10 3.50
N SER C 14 -14.65 -4.95 4.34
CA SER C 14 -14.49 -5.13 5.77
C SER C 14 -14.37 -6.61 6.12
N ALA C 15 -13.69 -6.88 7.23
CA ALA C 15 -13.57 -8.25 7.72
C ALA C 15 -14.95 -8.85 7.99
N GLY C 16 -15.12 -10.11 7.59
CA GLY C 16 -16.38 -10.80 7.76
C GLY C 16 -17.31 -10.73 6.57
N ASP C 17 -17.09 -9.81 5.64
CA ASP C 17 -17.95 -9.65 4.48
C ASP C 17 -17.50 -10.55 3.33
N ASN C 18 -18.30 -10.56 2.27
CA ASN C 18 -18.08 -11.42 1.12
C ASN C 18 -17.46 -10.62 -0.02
N VAL C 19 -16.55 -11.27 -0.75
CA VAL C 19 -15.84 -10.66 -1.86
C VAL C 19 -16.02 -11.51 -3.11
N THR C 20 -16.29 -10.86 -4.24
CA THR C 20 -16.32 -11.50 -5.53
C THR C 20 -15.47 -10.69 -6.50
N MET C 21 -14.62 -11.37 -7.25
CA MET C 21 -13.81 -10.70 -8.26
C MET C 21 -13.83 -11.53 -9.53
N SER C 22 -13.71 -10.84 -10.66
CA SER C 22 -13.95 -11.42 -11.98
C SER C 22 -12.66 -11.51 -12.79
N CYS C 23 -12.57 -12.54 -13.61
CA CYS C 23 -11.49 -12.72 -14.58
C CYS C 23 -12.11 -13.24 -15.86
N LYS C 24 -11.95 -12.51 -16.96
CA LYS C 24 -12.52 -12.89 -18.23
C LYS C 24 -11.43 -13.02 -19.28
N SER C 25 -11.44 -14.14 -20.01
CA SER C 25 -10.46 -14.40 -21.04
C SER C 25 -11.03 -14.08 -22.41
N SER C 26 -10.15 -13.65 -23.32
CA SER C 26 -10.59 -13.31 -24.68
C SER C 26 -10.89 -14.56 -25.50
N GLN C 27 -10.42 -15.72 -25.07
CA GLN C 27 -10.73 -16.99 -25.71
C GLN C 27 -11.00 -18.02 -24.63
N SER C 28 -11.77 -19.04 -24.99
CA SER C 28 -12.06 -20.12 -24.05
C SER C 28 -10.78 -20.83 -23.65
N VAL C 29 -10.62 -21.06 -22.35
CA VAL C 29 -9.52 -21.88 -21.84
C VAL C 29 -10.03 -23.25 -21.39
N LEU C 30 -11.20 -23.65 -21.87
CA LEU C 30 -11.76 -24.97 -21.58
C LEU C 30 -11.22 -25.97 -22.60
N TYR C 31 -10.51 -26.97 -22.11
CA TYR C 31 -9.90 -28.00 -22.97
C TYR C 31 -10.89 -29.15 -23.14
N SER C 32 -11.31 -29.40 -24.37
CA SER C 32 -12.40 -30.35 -24.60
C SER C 32 -12.02 -31.78 -24.24
N ALA C 33 -10.73 -32.12 -24.32
CA ALA C 33 -10.33 -33.52 -24.14
C ALA C 33 -10.55 -33.98 -22.70
N ASN C 34 -10.30 -33.11 -21.72
CA ASN C 34 -10.52 -33.48 -20.33
C ASN C 34 -11.54 -32.60 -19.62
N HIS C 35 -12.15 -31.65 -20.33
CA HIS C 35 -13.22 -30.81 -19.79
C HIS C 35 -12.75 -29.97 -18.61
N LYS C 36 -11.49 -29.57 -18.63
CA LYS C 36 -10.91 -28.76 -17.57
C LYS C 36 -10.58 -27.37 -18.10
N ASN C 37 -10.80 -26.37 -17.26
CA ASN C 37 -10.42 -25.00 -17.57
C ASN C 37 -8.99 -24.77 -17.13
N TYR C 38 -8.15 -24.30 -18.05
CA TYR C 38 -6.74 -24.07 -17.76
C TYR C 38 -6.57 -22.66 -17.20
N LEU C 39 -7.15 -22.47 -16.01
CA LEU C 39 -7.17 -21.17 -15.35
C LEU C 39 -6.88 -21.37 -13.87
N ALA C 40 -5.98 -20.53 -13.33
CA ALA C 40 -5.59 -20.61 -11.93
C ALA C 40 -5.70 -19.23 -11.30
N TRP C 41 -5.74 -19.21 -9.97
CA TRP C 41 -5.76 -17.99 -9.18
C TRP C 41 -4.58 -17.98 -8.23
N TYR C 42 -3.87 -16.85 -8.17
CA TYR C 42 -2.79 -16.64 -7.24
C TYR C 42 -3.13 -15.55 -6.24
N GLN C 43 -2.65 -15.73 -5.01
CA GLN C 43 -2.70 -14.72 -3.97
C GLN C 43 -1.28 -14.24 -3.72
N GLN C 44 -1.07 -12.94 -3.81
CA GLN C 44 0.25 -12.34 -3.54
C GLN C 44 0.11 -11.31 -2.43
N LYS C 45 0.53 -11.68 -1.24
CA LYS C 45 0.55 -10.76 -0.11
C LYS C 45 1.74 -9.82 -0.22
N PRO C 46 1.68 -8.67 0.45
CA PRO C 46 2.77 -7.68 0.33
C PRO C 46 4.12 -8.27 0.71
N GLY C 47 5.11 -8.06 -0.15
CA GLY C 47 6.46 -8.51 0.10
C GLY C 47 6.71 -9.98 -0.18
N GLN C 48 5.69 -10.74 -0.54
CA GLN C 48 5.81 -12.17 -0.79
C GLN C 48 5.72 -12.46 -2.28
N SER C 49 6.08 -13.70 -2.63
CA SER C 49 5.90 -14.20 -3.98
C SER C 49 4.47 -14.69 -4.15
N PRO C 50 3.98 -14.79 -5.39
CA PRO C 50 2.60 -15.27 -5.59
C PRO C 50 2.44 -16.71 -5.14
N LYS C 51 1.34 -16.98 -4.46
CA LYS C 51 1.02 -18.29 -3.91
C LYS C 51 -0.21 -18.84 -4.61
N LEU C 52 -0.12 -20.08 -5.09
CA LEU C 52 -1.22 -20.67 -5.85
C LEU C 52 -2.40 -20.95 -4.93
N LEU C 53 -3.57 -20.41 -5.28
CA LEU C 53 -4.79 -20.64 -4.53
C LEU C 53 -5.66 -21.73 -5.16
N ILE C 54 -5.91 -21.61 -6.46
CA ILE C 54 -6.87 -22.47 -7.16
C ILE C 54 -6.29 -22.80 -8.53
N TYR C 55 -6.51 -24.04 -8.98
CA TYR C 55 -6.20 -24.43 -10.35
C TYR C 55 -7.40 -25.19 -10.90
N TRP C 56 -7.37 -25.44 -12.22
CA TRP C 56 -8.53 -25.96 -12.95
C TRP C 56 -9.78 -25.15 -12.63
N ALA C 57 -9.62 -23.83 -12.51
CA ALA C 57 -10.69 -22.87 -12.24
C ALA C 57 -11.33 -23.04 -10.87
N SER C 58 -11.47 -24.27 -10.37
CA SER C 58 -12.23 -24.49 -9.14
C SER C 58 -11.60 -25.43 -8.13
N THR C 59 -10.43 -26.00 -8.41
CA THR C 59 -9.78 -26.91 -7.47
C THR C 59 -8.85 -26.14 -6.55
N ARG C 60 -9.07 -26.26 -5.24
CA ARG C 60 -8.23 -25.60 -4.26
C ARG C 60 -6.89 -26.29 -4.14
N GLU C 61 -5.83 -25.50 -4.07
CA GLU C 61 -4.51 -26.02 -3.75
C GLU C 61 -4.48 -26.49 -2.30
N SER C 62 -3.58 -27.43 -2.01
CA SER C 62 -3.46 -27.96 -0.65
C SER C 62 -3.17 -26.84 0.35
N GLY C 63 -3.88 -26.88 1.48
CA GLY C 63 -3.74 -25.88 2.50
C GLY C 63 -4.65 -24.67 2.36
N VAL C 64 -5.19 -24.43 1.18
CA VAL C 64 -6.04 -23.25 0.97
C VAL C 64 -7.36 -23.45 1.70
N PRO C 65 -7.79 -22.51 2.53
CA PRO C 65 -9.05 -22.67 3.26
C PRO C 65 -10.26 -22.61 2.33
N ASP C 66 -11.36 -23.20 2.83
CA ASP C 66 -12.57 -23.34 2.04
C ASP C 66 -13.26 -22.00 1.76
N ARG C 67 -12.90 -20.93 2.48
CA ARG C 67 -13.52 -19.65 2.19
C ARG C 67 -13.10 -19.10 0.82
N PHE C 68 -12.06 -19.65 0.20
CA PHE C 68 -11.70 -19.30 -1.17
C PHE C 68 -12.38 -20.28 -2.11
N THR C 69 -13.20 -19.75 -3.02
CA THR C 69 -13.94 -20.57 -3.98
C THR C 69 -13.77 -20.01 -5.37
N GLY C 70 -13.33 -20.85 -6.30
CA GLY C 70 -13.22 -20.48 -7.70
C GLY C 70 -14.34 -21.13 -8.51
N SER C 71 -14.85 -20.39 -9.48
CA SER C 71 -15.97 -20.86 -10.28
C SER C 71 -15.90 -20.26 -11.67
N GLY C 72 -16.74 -20.76 -12.55
CA GLY C 72 -16.80 -20.31 -13.93
C GLY C 72 -16.30 -21.36 -14.90
N SER C 73 -16.48 -21.05 -16.19
CA SER C 73 -16.09 -21.98 -17.24
C SER C 73 -15.96 -21.22 -18.55
N GLY C 74 -15.10 -21.71 -19.43
CA GLY C 74 -14.92 -21.12 -20.74
C GLY C 74 -14.14 -19.83 -20.72
N THR C 75 -14.84 -18.70 -20.62
CA THR C 75 -14.21 -17.38 -20.64
C THR C 75 -14.48 -16.54 -19.41
N ASP C 76 -15.46 -16.90 -18.58
CA ASP C 76 -15.88 -16.07 -17.46
C ASP C 76 -15.61 -16.82 -16.16
N PHE C 77 -14.73 -16.27 -15.32
CA PHE C 77 -14.32 -16.91 -14.09
C PHE C 77 -14.46 -15.94 -12.93
N THR C 78 -14.60 -16.51 -11.73
CA THR C 78 -14.88 -15.75 -10.53
C THR C 78 -14.13 -16.35 -9.35
N LEU C 79 -13.51 -15.49 -8.55
CA LEU C 79 -12.96 -15.87 -7.27
C LEU C 79 -13.82 -15.24 -6.18
N THR C 80 -14.30 -16.08 -5.26
CA THR C 80 -15.11 -15.62 -4.14
C THR C 80 -14.35 -15.88 -2.84
N ILE C 81 -14.32 -14.89 -1.97
CA ILE C 81 -13.79 -15.04 -0.61
C ILE C 81 -14.96 -14.81 0.34
N SER C 82 -15.34 -15.85 1.08
CA SER C 82 -16.48 -15.79 1.98
C SER C 82 -15.98 -15.46 3.39
N ARG C 83 -16.57 -14.42 3.98
CA ARG C 83 -16.18 -13.93 5.30
C ARG C 83 -14.68 -13.64 5.34
N VAL C 84 -14.33 -12.59 4.59
CA VAL C 84 -12.94 -12.18 4.45
C VAL C 84 -12.30 -11.99 5.82
N GLN C 85 -11.07 -12.46 5.94
CA GLN C 85 -10.28 -12.27 7.15
C GLN C 85 -9.17 -11.26 6.87
N VAL C 86 -8.64 -10.66 7.94
CA VAL C 86 -7.66 -9.61 7.78
C VAL C 86 -6.41 -10.14 7.10
N GLU C 87 -6.11 -11.42 7.25
CA GLU C 87 -4.94 -12.01 6.61
C GLU C 87 -5.10 -12.15 5.10
N ASP C 88 -6.30 -11.96 4.56
CA ASP C 88 -6.54 -12.14 3.13
C ASP C 88 -6.15 -10.93 2.30
N LEU C 89 -5.64 -9.89 2.94
CA LEU C 89 -5.13 -8.72 2.21
C LEU C 89 -4.04 -9.16 1.24
N ALA C 90 -4.25 -8.87 -0.04
CA ALA C 90 -3.31 -9.31 -1.08
C ALA C 90 -3.81 -8.80 -2.42
N ILE C 91 -2.98 -8.97 -3.44
CA ILE C 91 -3.38 -8.82 -4.84
C ILE C 91 -3.63 -10.21 -5.40
N TYR C 92 -4.80 -10.39 -6.00
CA TYR C 92 -5.22 -11.69 -6.52
C TYR C 92 -5.12 -11.63 -8.04
N TYR C 93 -4.37 -12.57 -8.61
CA TYR C 93 -4.14 -12.65 -10.04
C TYR C 93 -4.76 -13.91 -10.60
N CYS C 94 -5.39 -13.81 -11.76
CA CYS C 94 -5.75 -15.00 -12.50
C CYS C 94 -4.68 -15.29 -13.54
N HIS C 95 -4.65 -16.55 -13.98
CA HIS C 95 -3.56 -17.04 -14.82
C HIS C 95 -4.12 -18.12 -15.72
N GLN C 96 -4.01 -17.93 -17.03
CA GLN C 96 -4.38 -18.97 -17.99
C GLN C 96 -3.13 -19.64 -18.51
N TYR C 97 -3.19 -20.95 -18.60
CA TYR C 97 -2.07 -21.76 -19.03
C TYR C 97 -2.42 -22.84 -20.04
N LEU C 98 -3.26 -22.53 -21.01
CA LEU C 98 -3.63 -23.53 -21.99
C LEU C 98 -2.40 -24.08 -22.77
N SER C 99 -1.49 -23.20 -23.19
CA SER C 99 -0.25 -23.62 -23.83
C SER C 99 0.78 -22.60 -23.38
N SER C 100 0.66 -21.42 -23.93
CA SER C 100 1.44 -20.27 -23.46
C SER C 100 0.70 -19.74 -22.20
N TRP C 101 1.33 -18.81 -21.49
CA TRP C 101 0.78 -18.28 -20.24
C TRP C 101 0.39 -16.82 -20.41
N THR C 102 -0.64 -16.42 -19.67
CA THR C 102 -1.06 -15.04 -19.54
C THR C 102 -1.46 -14.80 -18.09
N PHE C 103 -1.23 -13.59 -17.60
CA PHE C 103 -1.70 -13.18 -16.29
C PHE C 103 -2.64 -11.99 -16.42
N GLY C 104 -3.69 -11.99 -15.60
CA GLY C 104 -4.54 -10.82 -15.51
C GLY C 104 -3.84 -9.67 -14.81
N GLY C 105 -4.49 -8.51 -14.86
CA GLY C 105 -3.95 -7.32 -14.23
C GLY C 105 -4.06 -7.29 -12.72
N GLY C 106 -4.75 -8.24 -12.13
CA GLY C 106 -4.83 -8.35 -10.67
C GLY C 106 -5.92 -7.50 -10.07
N THR C 107 -6.47 -8.01 -8.97
CA THR C 107 -7.44 -7.28 -8.14
C THR C 107 -6.82 -7.08 -6.77
N LYS C 108 -6.54 -5.83 -6.42
CA LYS C 108 -5.94 -5.52 -5.13
C LYS C 108 -7.03 -5.50 -4.07
N LEU C 109 -6.97 -6.43 -3.13
CA LEU C 109 -7.92 -6.48 -2.02
C LEU C 109 -7.32 -5.76 -0.82
N GLU C 110 -7.99 -4.69 -0.41
CA GLU C 110 -7.63 -3.96 0.80
C GLU C 110 -8.68 -4.24 1.87
N ILE C 111 -8.26 -4.18 3.12
CA ILE C 111 -9.18 -4.41 4.23
C ILE C 111 -9.79 -3.07 4.62
N LYS C 112 -11.12 -2.99 4.51
CA LYS C 112 -11.83 -1.79 4.92
C LYS C 112 -12.05 -1.81 6.44
N ARG C 113 -11.97 -0.63 7.05
CA ARG C 113 -12.22 -0.49 8.47
C ARG C 113 -12.80 0.91 8.71
N THR C 114 -13.08 1.22 9.96
CA THR C 114 -13.60 2.54 10.28
C THR C 114 -12.49 3.59 10.20
N VAL C 115 -12.91 4.83 10.00
CA VAL C 115 -11.97 5.93 9.83
C VAL C 115 -11.20 6.18 11.12
N ALA C 116 -9.90 6.39 11.01
CA ALA C 116 -9.03 6.73 12.13
C ALA C 116 -8.10 7.86 11.72
N ALA C 117 -8.12 8.95 12.49
CA ALA C 117 -7.25 10.07 12.21
C ALA C 117 -5.82 9.77 12.67
N PRO C 118 -4.83 10.32 11.99
CA PRO C 118 -3.45 10.06 12.38
C PRO C 118 -3.03 10.82 13.62
N SER C 119 -2.14 10.20 14.39
CA SER C 119 -1.37 10.91 15.40
C SER C 119 -0.08 11.36 14.75
N VAL C 120 0.39 12.56 15.12
CA VAL C 120 1.44 13.25 14.40
C VAL C 120 2.61 13.53 15.33
N PHE C 121 3.83 13.30 14.83
CA PHE C 121 5.08 13.56 15.53
C PHE C 121 6.07 14.20 14.58
N ILE C 122 6.84 15.17 15.07
CA ILE C 122 7.84 15.86 14.25
C ILE C 122 9.22 15.62 14.85
N PHE C 123 10.21 15.45 13.97
CA PHE C 123 11.59 15.15 14.36
C PHE C 123 12.52 16.19 13.73
N PRO C 124 13.34 16.88 14.51
CA PRO C 124 14.34 17.79 13.93
C PRO C 124 15.46 16.98 13.30
N PRO C 125 16.26 17.59 12.43
CA PRO C 125 17.47 16.90 11.95
C PRO C 125 18.46 16.73 13.09
N SER C 126 19.24 15.66 13.02
CA SER C 126 20.22 15.37 14.05
C SER C 126 21.44 16.28 13.90
N ASP C 127 22.13 16.51 15.02
CA ASP C 127 23.38 17.28 14.98
C ASP C 127 24.40 16.58 14.09
N GLU C 128 24.42 15.25 14.11
CA GLU C 128 25.36 14.52 13.27
C GLU C 128 25.11 14.78 11.79
N GLN C 129 23.85 14.69 11.35
CA GLN C 129 23.56 14.97 9.94
C GLN C 129 23.93 16.40 9.57
N LEU C 130 23.69 17.34 10.48
CA LEU C 130 23.97 18.75 10.17
C LEU C 130 25.43 18.99 9.87
N LYS C 131 26.32 18.12 10.37
CA LYS C 131 27.74 18.23 10.08
C LYS C 131 28.03 17.94 8.61
N SER C 132 27.01 17.55 7.85
CA SER C 132 27.20 17.06 6.49
C SER C 132 26.62 17.97 5.42
N GLY C 133 26.06 19.11 5.76
CA GLY C 133 25.55 20.03 4.77
C GLY C 133 24.11 19.83 4.36
N THR C 134 23.44 18.80 4.86
CA THR C 134 22.05 18.53 4.55
C THR C 134 21.27 18.36 5.84
N ALA C 135 20.02 18.81 5.83
CA ALA C 135 19.12 18.67 6.96
C ALA C 135 17.85 17.97 6.51
N SER C 136 17.52 16.86 7.15
CA SER C 136 16.28 16.15 6.92
C SER C 136 15.36 16.36 8.12
N VAL C 137 14.18 16.93 7.87
CA VAL C 137 13.13 17.05 8.87
C VAL C 137 12.08 16.00 8.58
N VAL C 138 11.66 15.25 9.59
CA VAL C 138 10.77 14.12 9.42
C VAL C 138 9.50 14.34 10.23
N CYS C 139 8.35 14.11 9.61
CA CYS C 139 7.08 14.04 10.33
C CYS C 139 6.46 12.67 10.12
N LEU C 140 5.93 12.13 11.21
CA LEU C 140 5.32 10.82 11.25
C LEU C 140 3.82 10.96 11.44
N LEU C 141 3.04 10.29 10.60
CA LEU C 141 1.60 10.17 10.75
C LEU C 141 1.30 8.71 11.08
N ASN C 142 0.76 8.45 12.26
CA ASN C 142 0.70 7.10 12.80
C ASN C 142 -0.73 6.58 12.88
N ASN C 143 -0.95 5.38 12.35
CA ASN C 143 -2.13 4.55 12.59
C ASN C 143 -3.42 5.27 12.17
N PHE C 144 -3.54 5.46 10.86
CA PHE C 144 -4.69 6.16 10.30
C PHE C 144 -5.33 5.35 9.18
N TYR C 145 -6.59 5.67 8.89
CA TYR C 145 -7.34 5.03 7.82
C TYR C 145 -8.46 5.96 7.42
N PRO C 146 -8.72 6.13 6.11
CA PRO C 146 -8.05 5.50 4.96
C PRO C 146 -6.66 6.06 4.63
N ARG C 147 -6.13 5.62 3.49
CA ARG C 147 -4.72 5.81 3.18
C ARG C 147 -4.37 7.26 2.87
N GLU C 148 -5.34 8.04 2.39
CA GLU C 148 -5.03 9.36 1.84
C GLU C 148 -4.81 10.38 2.96
N ALA C 149 -3.74 11.16 2.84
CA ALA C 149 -3.42 12.20 3.80
C ALA C 149 -2.51 13.21 3.12
N LYS C 150 -2.42 14.40 3.71
CA LYS C 150 -1.55 15.43 3.18
C LYS C 150 -0.70 16.01 4.30
N VAL C 151 0.59 16.16 4.03
CA VAL C 151 1.53 16.83 4.92
C VAL C 151 1.97 18.12 4.25
N GLN C 152 1.72 19.23 4.92
CA GLN C 152 2.16 20.51 4.41
C GLN C 152 3.24 21.02 5.35
N TRP C 153 4.44 21.19 4.80
CA TRP C 153 5.58 21.69 5.56
C TRP C 153 5.61 23.22 5.53
N LYS C 154 5.92 23.81 6.68
CA LYS C 154 6.09 25.24 6.80
C LYS C 154 7.40 25.55 7.51
N VAL C 155 8.13 26.54 6.98
CA VAL C 155 9.40 26.98 7.53
C VAL C 155 9.27 28.47 7.78
N ASP C 156 9.29 28.87 9.06
CA ASP C 156 8.93 30.23 9.47
C ASP C 156 7.64 30.67 8.79
N ASN C 157 6.64 29.80 8.85
CA ASN C 157 5.29 30.00 8.30
C ASN C 157 5.28 30.12 6.78
N ALA C 158 6.38 29.79 6.11
CA ALA C 158 6.43 29.81 4.66
C ALA C 158 6.13 28.41 4.13
N LEU C 159 5.07 28.30 3.33
CA LEU C 159 4.67 27.00 2.79
C LEU C 159 5.75 26.46 1.87
N GLN C 160 6.21 25.25 2.14
CA GLN C 160 7.19 24.57 1.32
C GLN C 160 6.51 23.82 0.18
N SER C 161 7.23 23.65 -0.93
CA SER C 161 6.72 22.89 -2.06
C SER C 161 7.87 22.24 -2.81
N GLY C 162 7.72 20.94 -3.09
CA GLY C 162 8.65 20.24 -3.95
C GLY C 162 9.85 19.63 -3.27
N ASN C 163 10.10 19.96 -2.00
CA ASN C 163 11.28 19.46 -1.30
C ASN C 163 10.92 18.43 -0.23
N SER C 164 9.81 17.74 -0.38
CA SER C 164 9.45 16.66 0.53
C SER C 164 9.15 15.39 -0.25
N GLN C 165 9.32 14.25 0.41
CA GLN C 165 8.95 12.95 -0.12
C GLN C 165 8.21 12.18 0.97
N GLU C 166 7.16 11.46 0.58
CA GLU C 166 6.35 10.68 1.51
C GLU C 166 6.47 9.20 1.20
N SER C 167 6.28 8.38 2.23
CA SER C 167 6.25 6.93 2.10
C SER C 167 5.23 6.38 3.09
N VAL C 168 4.45 5.40 2.64
CA VAL C 168 3.33 4.86 3.41
C VAL C 168 3.56 3.37 3.60
N THR C 169 3.27 2.88 4.81
CA THR C 169 3.40 1.46 5.08
C THR C 169 2.25 0.69 4.42
N GLU C 170 2.42 -0.63 4.38
CA GLU C 170 1.30 -1.51 4.10
C GLU C 170 0.33 -1.47 5.28
N GLN C 171 -0.90 -1.91 5.04
CA GLN C 171 -1.89 -1.98 6.12
C GLN C 171 -1.38 -2.90 7.22
N ASP C 172 -1.58 -2.48 8.47
CA ASP C 172 -1.18 -3.30 9.60
C ASP C 172 -1.93 -4.62 9.58
N SER C 173 -1.19 -5.70 9.83
CA SER C 173 -1.76 -7.05 9.77
C SER C 173 -2.89 -7.24 10.76
N LYS C 174 -2.91 -6.48 11.85
CA LYS C 174 -3.93 -6.64 12.89
C LYS C 174 -5.05 -5.62 12.80
N ASP C 175 -4.72 -4.32 12.76
CA ASP C 175 -5.76 -3.29 12.83
C ASP C 175 -6.01 -2.59 11.50
N SER C 176 -5.29 -2.95 10.43
CA SER C 176 -5.53 -2.47 9.07
C SER C 176 -5.28 -0.97 8.91
N THR C 177 -4.56 -0.34 9.83
CA THR C 177 -4.24 1.07 9.66
C THR C 177 -2.98 1.24 8.81
N TYR C 178 -2.77 2.48 8.40
CA TYR C 178 -1.57 2.91 7.70
C TYR C 178 -0.76 3.84 8.60
N SER C 179 0.54 3.92 8.30
CA SER C 179 1.37 5.00 8.82
C SER C 179 2.13 5.62 7.65
N LEU C 180 2.55 6.87 7.83
CA LEU C 180 3.20 7.61 6.77
C LEU C 180 4.36 8.42 7.35
N SER C 181 5.45 8.49 6.60
CA SER C 181 6.58 9.37 6.93
C SER C 181 6.72 10.39 5.82
N SER C 182 6.88 11.65 6.21
CA SER C 182 7.19 12.72 5.27
C SER C 182 8.53 13.31 5.64
N THR C 183 9.44 13.39 4.66
CA THR C 183 10.79 13.88 4.89
C THR C 183 10.99 15.16 4.10
N LEU C 184 11.29 16.24 4.81
CA LEU C 184 11.61 17.54 4.21
C LEU C 184 13.12 17.69 4.12
N THR C 185 13.61 17.94 2.92
CA THR C 185 15.05 18.02 2.66
C THR C 185 15.45 19.48 2.45
N LEU C 186 16.32 19.99 3.32
CA LEU C 186 16.82 21.35 3.23
C LEU C 186 18.33 21.33 3.24
N SER C 187 18.94 22.31 2.59
CA SER C 187 20.36 22.54 2.78
C SER C 187 20.59 22.96 4.22
N LYS C 188 21.79 22.67 4.71
CA LYS C 188 22.13 23.07 6.05
C LYS C 188 22.10 24.59 6.16
N ALA C 189 22.51 25.29 5.11
CA ALA C 189 22.49 26.75 5.11
C ALA C 189 21.07 27.27 5.29
N ASP C 190 20.11 26.72 4.55
CA ASP C 190 18.72 27.14 4.70
C ASP C 190 18.19 26.79 6.07
N TYR C 191 18.54 25.61 6.59
CA TYR C 191 18.00 25.17 7.87
C TYR C 191 18.42 26.10 9.00
N GLU C 192 19.68 26.55 8.99
CA GLU C 192 20.17 27.38 10.06
C GLU C 192 19.76 28.84 9.92
N LYS C 193 19.12 29.22 8.80
CA LYS C 193 18.61 30.57 8.60
C LYS C 193 17.20 30.75 9.16
N HIS C 194 16.51 29.68 9.52
CA HIS C 194 15.12 29.80 9.95
C HIS C 194 14.93 29.10 11.29
N LYS C 195 13.84 29.46 11.96
CA LYS C 195 13.61 29.05 13.34
C LYS C 195 12.49 28.04 13.51
N VAL C 196 11.30 28.31 12.97
CA VAL C 196 10.11 27.51 13.26
C VAL C 196 9.89 26.51 12.13
N TYR C 197 9.86 25.23 12.49
CA TYR C 197 9.64 24.14 11.54
C TYR C 197 8.37 23.41 11.93
N ALA C 198 7.45 23.27 10.98
CA ALA C 198 6.12 22.75 11.28
C ALA C 198 5.63 21.87 10.14
N CYS C 199 4.93 20.80 10.49
CA CYS C 199 4.21 20.00 9.51
C CYS C 199 2.74 20.03 9.86
N GLU C 200 1.93 20.37 8.86
CA GLU C 200 0.49 20.55 9.01
C GLU C 200 -0.20 19.41 8.28
N VAL C 201 -1.01 18.64 9.01
CA VAL C 201 -1.53 17.37 8.54
C VAL C 201 -3.04 17.47 8.35
N THR C 202 -3.53 17.01 7.20
CA THR C 202 -4.94 16.82 6.99
C THR C 202 -5.22 15.35 6.65
N HIS C 203 -6.43 14.91 6.97
CA HIS C 203 -6.90 13.56 6.75
C HIS C 203 -8.42 13.60 6.84
N GLN C 204 -9.09 12.72 6.08
CA GLN C 204 -10.54 12.83 6.02
C GLN C 204 -11.20 12.62 7.38
N GLY C 205 -10.49 12.00 8.33
CA GLY C 205 -10.98 11.87 9.68
C GLY C 205 -10.69 13.04 10.59
N LEU C 206 -10.06 14.10 10.09
CA LEU C 206 -9.70 15.27 10.90
C LEU C 206 -10.65 16.42 10.56
N SER C 207 -11.30 16.96 11.59
CA SER C 207 -12.17 18.12 11.40
C SER C 207 -11.38 19.37 11.05
N SER C 208 -10.13 19.46 11.50
CA SER C 208 -9.26 20.59 11.20
C SER C 208 -7.83 20.10 11.20
N PRO C 209 -6.93 20.77 10.50
CA PRO C 209 -5.55 20.30 10.40
C PRO C 209 -4.88 20.20 11.77
N VAL C 210 -3.99 19.22 11.90
CA VAL C 210 -3.17 19.06 13.09
C VAL C 210 -1.74 19.47 12.73
N THR C 211 -1.17 20.36 13.55
CA THR C 211 0.17 20.88 13.32
C THR C 211 1.08 20.51 14.49
N LYS C 212 2.25 19.96 14.18
CA LYS C 212 3.32 19.76 15.14
C LYS C 212 4.53 20.59 14.69
N SER C 213 5.24 21.17 15.65
CA SER C 213 6.31 22.08 15.29
C SER C 213 7.42 22.04 16.33
N PHE C 214 8.59 22.56 15.94
CA PHE C 214 9.70 22.75 16.86
C PHE C 214 10.45 24.01 16.45
N ASN C 215 11.16 24.58 17.40
CA ASN C 215 12.07 25.71 17.15
C ASN C 215 13.49 25.18 17.10
N ARG C 216 14.21 25.51 16.02
CA ARG C 216 15.56 25.03 15.85
C ARG C 216 16.43 25.44 17.04
N GLY C 217 17.16 24.46 17.59
CA GLY C 217 18.08 24.72 18.67
C GLY C 217 17.44 24.87 20.04
N GLU C 218 16.19 24.48 20.21
CA GLU C 218 15.53 24.60 21.50
C GLU C 218 15.17 23.24 22.09
#